data_8Q1F
#
_entry.id   8Q1F
#
_cell.length_a   32.023
_cell.length_b   79.663
_cell.length_c   79.848
_cell.angle_alpha   90.000
_cell.angle_beta   97.614
_cell.angle_gamma   90.000
#
_symmetry.space_group_name_H-M   'P 1 21 1'
#
loop_
_entity.id
_entity.type
_entity.pdbx_description
1 polymer Beta-phosphoglucomutase
2 non-polymer 1,6-di-O-phosphono-beta-D-glucopyranose
3 non-polymer 'MAGNESIUM ION'
4 non-polymer 2-AMINO-2-HYDROXYMETHYL-PROPANE-1,3-DIOL
5 non-polymer 'SODIUM ION'
6 non-polymer 1,2-ETHANEDIOL
7 water water
#
_entity_poly.entity_id   1
_entity_poly.type   'polypeptide(L)'
_entity_poly.pdbx_seq_one_letter_code
;MFKAVLFDLNGVITDTAEYHFRAWKALAEEIGINGVDRQFNEQLKGVSREDSLQKILDLADKKVSAEEFKELAKRKNDNY
VKMIQDVSPADVYPGILQLLKDLRSNKIKIALASASKNGPFLLERMNLTGYFDAIADPAEVAASKAAPDIFIAAAHAVGV
APSESIGLEDSQAGIQAIKDSGALPIGVGRPEDLGDDIVIVPDTSHYTLEFLKEVWLQKQK
;
_entity_poly.pdbx_strand_id   A,B
#
loop_
_chem_comp.id
_chem_comp.type
_chem_comp.name
_chem_comp.formula
B16 D-saccharide 1,6-di-O-phosphono-beta-D-glucopyranose 'C6 H14 O12 P2'
EDO non-polymer 1,2-ETHANEDIOL 'C2 H6 O2'
MG non-polymer 'MAGNESIUM ION' 'Mg 2'
NA non-polymer 'SODIUM ION' 'Na 1'
TRS non-polymer 2-AMINO-2-HYDROXYMETHYL-PROPANE-1,3-DIOL 'C4 H12 N O3 1'
#
# COMPACT_ATOMS: atom_id res chain seq x y z
N MET A 1 9.21 -0.39 16.98
CA MET A 1 7.83 -0.10 16.50
C MET A 1 7.83 1.39 16.13
N PHE A 2 6.87 1.78 15.29
CA PHE A 2 6.69 3.21 15.07
C PHE A 2 6.42 3.86 16.42
N LYS A 3 6.99 5.05 16.56
CA LYS A 3 6.89 5.80 17.81
CA LYS A 3 6.93 5.83 17.79
C LYS A 3 5.91 6.97 17.73
N ALA A 4 5.40 7.28 16.53
CA ALA A 4 4.44 8.37 16.34
C ALA A 4 3.58 8.06 15.12
N VAL A 5 2.37 8.61 15.18
CA VAL A 5 1.49 8.69 14.01
C VAL A 5 1.24 10.16 13.74
N LEU A 6 1.46 10.55 12.49
CA LEU A 6 1.34 11.92 12.01
C LEU A 6 0.04 11.97 11.21
N PHE A 7 -0.95 12.68 11.75
CA PHE A 7 -2.29 12.71 11.20
C PHE A 7 -2.54 13.92 10.32
N ASP A 8 -2.93 13.69 9.08
CA ASP A 8 -3.66 14.72 8.34
C ASP A 8 -4.95 15.05 9.10
N LEU A 9 -5.52 16.24 8.84
CA LEU A 9 -6.80 16.58 9.42
C LEU A 9 -7.93 16.26 8.44
N ASN A 10 -8.06 17.06 7.37
CA ASN A 10 -9.21 16.97 6.49
C ASN A 10 -9.07 15.77 5.56
N GLY A 11 -10.00 14.83 5.71
CA GLY A 11 -9.95 13.55 5.00
C GLY A 11 -9.47 12.40 5.87
N VAL A 12 -8.99 12.66 7.09
CA VAL A 12 -8.56 11.62 8.01
C VAL A 12 -9.29 11.74 9.34
N ILE A 13 -9.04 12.79 10.09
CA ILE A 13 -9.69 12.98 11.39
CA ILE A 13 -9.67 12.99 11.41
C ILE A 13 -11.16 13.34 11.23
N THR A 14 -11.42 14.21 10.25
CA THR A 14 -12.75 14.67 9.89
C THR A 14 -12.66 15.11 8.44
N ASP A 15 -13.67 15.78 7.91
CA ASP A 15 -13.40 16.48 6.64
C ASP A 15 -14.29 17.70 6.56
N THR A 16 -13.66 18.87 6.48
CA THR A 16 -14.36 20.13 6.29
C THR A 16 -14.22 20.64 4.85
N ALA A 17 -13.91 19.72 3.92
CA ALA A 17 -13.77 20.06 2.51
C ALA A 17 -14.95 20.86 1.98
N GLU A 18 -16.16 20.49 2.35
CA GLU A 18 -17.33 21.18 1.77
C GLU A 18 -17.30 22.66 2.13
N TYR A 19 -16.86 22.97 3.35
CA TYR A 19 -16.84 24.36 3.80
C TYR A 19 -15.68 25.13 3.19
N HIS A 20 -14.53 24.48 3.03
CA HIS A 20 -13.44 25.11 2.27
C HIS A 20 -13.93 25.43 0.86
N PHE A 21 -14.56 24.46 0.21
CA PHE A 21 -15.05 24.65 -1.16
C PHE A 21 -16.02 25.82 -1.21
N ARG A 22 -17.04 25.82 -0.35
CA ARG A 22 -18.06 26.84 -0.40
C ARG A 22 -17.44 28.21 -0.21
N ALA A 23 -16.50 28.33 0.72
CA ALA A 23 -15.86 29.61 0.98
C ALA A 23 -15.03 30.05 -0.22
N TRP A 24 -14.25 29.15 -0.81
CA TRP A 24 -13.50 29.53 -2.02
C TRP A 24 -14.43 29.93 -3.15
N LYS A 25 -15.50 29.16 -3.35
CA LYS A 25 -16.44 29.44 -4.44
CA LYS A 25 -16.38 29.46 -4.48
C LYS A 25 -17.05 30.83 -4.26
N ALA A 26 -17.47 31.13 -3.05
CA ALA A 26 -18.10 32.42 -2.77
C ALA A 26 -17.11 33.56 -3.04
N LEU A 27 -15.87 33.40 -2.60
CA LEU A 27 -14.85 34.41 -2.86
C LEU A 27 -14.63 34.59 -4.35
N ALA A 28 -14.46 33.47 -5.05
CA ALA A 28 -14.22 33.54 -6.49
C ALA A 28 -15.35 34.28 -7.18
N GLU A 29 -16.60 33.93 -6.88
CA GLU A 29 -17.72 34.54 -7.58
C GLU A 29 -17.75 36.05 -7.33
N GLU A 30 -17.41 36.48 -6.11
CA GLU A 30 -17.39 37.90 -5.74
C GLU A 30 -16.40 38.68 -6.57
N ILE A 31 -15.32 38.04 -6.99
CA ILE A 31 -14.28 38.74 -7.73
C ILE A 31 -14.32 38.35 -9.22
N GLY A 32 -15.45 37.79 -9.67
CA GLY A 32 -15.70 37.63 -11.09
C GLY A 32 -15.09 36.36 -11.69
N ILE A 33 -14.75 35.39 -10.84
CA ILE A 33 -14.17 34.13 -11.28
C ILE A 33 -15.24 33.06 -11.23
N ASN A 34 -15.55 32.37 -12.32
N ASN A 34 -15.56 32.58 -12.43
CA ASN A 34 -16.75 31.53 -12.31
CA ASN A 34 -16.33 31.36 -12.63
C ASN A 34 -16.42 30.04 -12.39
C ASN A 34 -15.37 30.21 -12.85
N GLY A 35 -15.13 29.68 -12.45
N GLY A 35 -15.85 29.00 -12.57
CA GLY A 35 -14.71 28.31 -12.75
CA GLY A 35 -15.05 27.81 -12.77
C GLY A 35 -14.46 27.40 -11.53
C GLY A 35 -14.41 27.29 -11.49
N VAL A 36 -14.73 27.88 -10.32
CA VAL A 36 -14.44 27.15 -9.09
C VAL A 36 -15.61 26.22 -8.81
N ASP A 37 -15.56 25.07 -9.49
CA ASP A 37 -16.58 24.05 -9.34
C ASP A 37 -15.99 22.89 -8.56
N ARG A 38 -16.80 21.85 -8.34
CA ARG A 38 -16.33 20.78 -7.48
C ARG A 38 -15.16 20.01 -8.10
N GLN A 39 -15.18 19.90 -9.44
CA GLN A 39 -14.10 19.22 -10.14
C GLN A 39 -12.81 20.02 -9.94
N PHE A 40 -12.87 21.34 -10.16
CA PHE A 40 -11.70 22.19 -9.97
C PHE A 40 -11.21 22.08 -8.52
N ASN A 41 -12.17 22.01 -7.59
CA ASN A 41 -11.87 22.00 -6.17
C ASN A 41 -11.03 20.78 -5.76
N GLU A 42 -11.09 19.71 -6.52
CA GLU A 42 -10.24 18.56 -6.24
C GLU A 42 -8.77 18.99 -6.19
N GLN A 43 -8.38 20.00 -6.97
CA GLN A 43 -7.01 20.52 -7.05
C GLN A 43 -6.64 21.36 -5.83
N LEU A 44 -7.63 21.68 -4.99
CA LEU A 44 -7.40 22.52 -3.82
C LEU A 44 -7.33 21.70 -2.53
N LYS A 45 -7.83 20.46 -2.58
CA LYS A 45 -7.84 19.64 -1.38
C LYS A 45 -6.40 19.37 -0.96
N GLY A 46 -6.17 19.57 0.33
CA GLY A 46 -4.84 19.39 0.87
C GLY A 46 -3.89 20.56 0.74
N VAL A 47 -4.20 21.56 -0.11
CA VAL A 47 -3.32 22.64 -0.54
C VAL A 47 -3.42 23.79 0.45
N SER A 48 -2.31 24.52 0.72
CA SER A 48 -2.32 25.65 1.65
C SER A 48 -3.34 26.70 1.24
N ARG A 49 -3.73 27.56 2.18
CA ARG A 49 -4.65 28.65 1.89
C ARG A 49 -4.10 29.55 0.78
N GLU A 50 -2.85 29.97 0.91
CA GLU A 50 -2.29 30.90 -0.07
CA GLU A 50 -2.22 30.87 -0.05
C GLU A 50 -2.11 30.22 -1.42
N ASP A 51 -1.65 28.96 -1.44
CA ASP A 51 -1.51 28.28 -2.74
C ASP A 51 -2.88 28.01 -3.38
N SER A 52 -3.90 27.82 -2.54
CA SER A 52 -5.24 27.63 -3.07
C SER A 52 -5.73 28.92 -3.73
N LEU A 53 -5.57 30.05 -3.03
CA LEU A 53 -5.95 31.31 -3.64
C LEU A 53 -5.18 31.51 -4.94
N GLN A 54 -3.87 31.21 -4.92
CA GLN A 54 -3.09 31.43 -6.12
C GLN A 54 -3.62 30.56 -7.27
N LYS A 55 -4.00 29.31 -6.98
CA LYS A 55 -4.54 28.45 -8.04
C LYS A 55 -5.83 29.02 -8.62
N ILE A 56 -6.66 29.62 -7.76
CA ILE A 56 -7.91 30.23 -8.20
C ILE A 56 -7.63 31.47 -9.06
N LEU A 57 -6.71 32.33 -8.60
CA LEU A 57 -6.34 33.50 -9.40
C LEU A 57 -5.76 33.04 -10.75
N ASP A 58 -4.88 32.03 -10.69
CA ASP A 58 -4.25 31.51 -11.90
C ASP A 58 -5.33 31.03 -12.87
N LEU A 59 -6.31 30.27 -12.38
CA LEU A 59 -7.41 29.78 -13.20
C LEU A 59 -8.01 30.91 -14.04
N ALA A 60 -8.20 32.07 -13.43
CA ALA A 60 -8.89 33.20 -14.05
C ALA A 60 -7.94 34.16 -14.78
N ASP A 61 -6.67 33.80 -14.87
CA ASP A 61 -5.66 34.71 -15.43
C ASP A 61 -5.68 36.07 -14.73
N LYS A 62 -5.80 36.01 -13.41
CA LYS A 62 -5.93 37.20 -12.58
C LYS A 62 -4.68 37.37 -11.74
N LYS A 63 -4.35 38.64 -11.49
CA LYS A 63 -3.23 39.02 -10.64
C LYS A 63 -3.68 40.18 -9.76
N VAL A 64 -3.32 40.13 -8.47
CA VAL A 64 -3.67 41.18 -7.53
C VAL A 64 -2.41 41.59 -6.77
N SER A 65 -2.48 42.75 -6.10
CA SER A 65 -1.37 43.21 -5.29
C SER A 65 -1.16 42.27 -4.10
N ALA A 66 0.02 42.35 -3.47
CA ALA A 66 0.33 41.59 -2.27
C ALA A 66 -0.71 41.86 -1.16
N GLU A 67 -1.09 43.12 -1.00
CA GLU A 67 -2.02 43.54 0.04
C GLU A 67 -3.38 42.92 -0.27
N GLU A 68 -3.79 42.99 -1.53
CA GLU A 68 -5.10 42.48 -1.93
C GLU A 68 -5.14 40.95 -1.78
N PHE A 69 -4.05 40.28 -2.13
CA PHE A 69 -3.96 38.84 -1.95
C PHE A 69 -4.21 38.47 -0.48
N LYS A 70 -3.57 39.17 0.44
CA LYS A 70 -3.77 38.91 1.87
C LYS A 70 -5.23 39.17 2.26
N GLU A 71 -5.81 40.23 1.73
CA GLU A 71 -7.20 40.57 2.05
C GLU A 71 -8.13 39.46 1.58
N LEU A 72 -7.91 38.96 0.38
CA LEU A 72 -8.76 37.92 -0.19
C LEU A 72 -8.64 36.63 0.63
N ALA A 73 -7.41 36.24 0.99
CA ALA A 73 -7.26 35.01 1.76
C ALA A 73 -7.96 35.14 3.10
N LYS A 74 -7.83 36.32 3.73
CA LYS A 74 -8.48 36.59 5.01
C LYS A 74 -10.00 36.55 4.88
N ARG A 75 -10.53 37.09 3.79
CA ARG A 75 -11.97 37.06 3.59
C ARG A 75 -12.47 35.63 3.46
N LYS A 76 -11.78 34.82 2.67
CA LYS A 76 -12.18 33.42 2.58
C LYS A 76 -12.07 32.74 3.95
N ASN A 77 -10.98 32.98 4.67
CA ASN A 77 -10.81 32.34 5.96
C ASN A 77 -11.89 32.76 6.94
N ASP A 78 -12.26 34.04 6.95
CA ASP A 78 -13.30 34.48 7.88
C ASP A 78 -14.61 33.76 7.59
N ASN A 79 -14.93 33.56 6.32
CA ASN A 79 -16.14 32.85 5.94
C ASN A 79 -16.05 31.37 6.33
N TYR A 80 -14.93 30.74 6.02
CA TYR A 80 -14.69 29.37 6.44
C TYR A 80 -14.84 29.18 7.96
N VAL A 81 -14.21 30.08 8.73
CA VAL A 81 -14.26 29.95 10.19
C VAL A 81 -15.71 30.09 10.68
N LYS A 82 -16.49 30.99 10.09
CA LYS A 82 -17.91 31.09 10.41
C LYS A 82 -18.57 29.73 10.18
N MET A 83 -18.25 29.09 9.06
CA MET A 83 -18.96 27.89 8.67
CA MET A 83 -18.92 27.85 8.64
C MET A 83 -18.59 26.67 9.53
N ILE A 84 -17.40 26.64 10.15
CA ILE A 84 -16.99 25.50 10.97
C ILE A 84 -17.30 25.68 12.44
N GLN A 85 -18.04 26.73 12.83
CA GLN A 85 -18.35 26.92 14.23
C GLN A 85 -19.13 25.75 14.83
N ASP A 86 -19.92 25.03 14.04
CA ASP A 86 -20.77 23.98 14.60
C ASP A 86 -20.18 22.59 14.43
N VAL A 87 -18.92 22.46 13.99
CA VAL A 87 -18.24 21.17 14.05
C VAL A 87 -18.29 20.66 15.49
N SER A 88 -18.50 19.35 15.66
CA SER A 88 -18.70 18.75 16.97
C SER A 88 -18.02 17.40 17.01
N PRO A 89 -18.01 16.73 18.18
CA PRO A 89 -17.44 15.38 18.24
C PRO A 89 -18.10 14.37 17.29
N ALA A 90 -19.33 14.61 16.88
CA ALA A 90 -20.01 13.71 15.96
C ALA A 90 -19.36 13.75 14.58
N ASP A 91 -18.52 14.75 14.31
CA ASP A 91 -17.87 14.88 13.03
C ASP A 91 -16.53 14.13 12.95
N VAL A 92 -16.08 13.56 14.06
CA VAL A 92 -14.89 12.72 14.02
C VAL A 92 -15.18 11.53 13.12
N TYR A 93 -14.27 11.22 12.21
CA TYR A 93 -14.45 10.16 11.24
C TYR A 93 -14.48 8.79 11.92
N PRO A 94 -15.12 7.83 11.24
CA PRO A 94 -15.27 6.49 11.80
C PRO A 94 -13.92 5.86 12.13
N GLY A 95 -13.84 5.29 13.31
CA GLY A 95 -12.64 4.59 13.75
C GLY A 95 -11.57 5.46 14.39
N ILE A 96 -11.62 6.76 14.16
CA ILE A 96 -10.53 7.64 14.55
C ILE A 96 -10.41 7.77 16.06
N LEU A 97 -11.53 7.97 16.75
CA LEU A 97 -11.44 8.13 18.20
C LEU A 97 -10.84 6.87 18.84
N GLN A 98 -11.27 5.69 18.40
CA GLN A 98 -10.72 4.47 18.98
C GLN A 98 -9.23 4.32 18.68
N LEU A 99 -8.83 4.70 17.46
CA LEU A 99 -7.42 4.65 17.12
C LEU A 99 -6.62 5.57 18.03
N LEU A 100 -7.11 6.78 18.26
CA LEU A 100 -6.40 7.72 19.14
C LEU A 100 -6.28 7.13 20.55
N LYS A 101 -7.37 6.56 21.07
CA LYS A 101 -7.34 5.94 22.39
C LYS A 101 -6.29 4.82 22.44
N ASP A 102 -6.26 3.99 21.41
CA ASP A 102 -5.34 2.86 21.40
C ASP A 102 -3.90 3.31 21.28
N LEU A 103 -3.63 4.30 20.43
CA LEU A 103 -2.27 4.85 20.34
C LEU A 103 -1.83 5.40 21.70
N ARG A 104 -2.71 6.19 22.33
CA ARG A 104 -2.40 6.77 23.63
C ARG A 104 -2.13 5.69 24.68
N SER A 105 -2.93 4.64 24.68
CA SER A 105 -2.80 3.55 25.66
CA SER A 105 -2.76 3.61 25.72
C SER A 105 -1.47 2.83 25.49
N ASN A 106 -0.97 2.81 24.24
CA ASN A 106 0.29 2.14 23.90
C ASN A 106 1.50 3.07 23.90
N LYS A 107 1.30 4.32 24.35
CA LYS A 107 2.29 5.40 24.47
CA LYS A 107 2.39 5.28 24.50
C LYS A 107 3.01 5.64 23.14
N ILE A 108 2.22 5.60 22.08
CA ILE A 108 2.63 6.05 20.76
C ILE A 108 2.20 7.49 20.63
N LYS A 109 3.14 8.34 20.21
CA LYS A 109 2.87 9.76 20.11
C LYS A 109 1.89 10.04 18.97
N ILE A 110 1.09 11.11 19.17
CA ILE A 110 0.05 11.52 18.24
C ILE A 110 0.30 12.98 17.89
N ALA A 111 0.52 13.25 16.61
CA ALA A 111 0.83 14.60 16.16
C ALA A 111 -0.05 14.96 14.98
N LEU A 112 -0.50 16.22 14.93
CA LEU A 112 -1.24 16.71 13.76
C LEU A 112 -0.25 17.26 12.74
N ALA A 113 -0.41 16.79 11.51
CA ALA A 113 0.37 17.19 10.33
C ALA A 113 -0.57 17.63 9.22
N SER A 114 -1.43 18.59 9.56
CA SER A 114 -2.39 19.18 8.63
C SER A 114 -1.83 20.45 8.00
N ALA A 115 -2.21 20.73 6.77
CA ALA A 115 -1.96 22.03 6.17
C ALA A 115 -2.79 23.15 6.80
N SER A 116 -3.82 22.81 7.58
CA SER A 116 -4.79 23.82 8.00
C SER A 116 -4.36 24.54 9.26
N LYS A 117 -4.32 25.88 9.17
CA LYS A 117 -4.05 26.71 10.33
C LYS A 117 -5.22 26.74 11.31
N ASN A 118 -6.39 26.23 10.87
CA ASN A 118 -7.54 26.06 11.72
C ASN A 118 -7.58 24.73 12.48
N GLY A 119 -6.50 23.94 12.34
CA GLY A 119 -6.43 22.65 13.02
C GLY A 119 -6.69 22.70 14.52
N PRO A 120 -6.03 23.59 15.29
CA PRO A 120 -6.24 23.57 16.73
C PRO A 120 -7.71 23.79 17.11
N PHE A 121 -8.37 24.75 16.47
CA PHE A 121 -9.78 25.02 16.78
C PHE A 121 -10.64 23.81 16.45
N LEU A 122 -10.37 23.17 15.30
CA LEU A 122 -11.15 22.00 14.91
C LEU A 122 -10.95 20.85 15.90
N LEU A 123 -9.71 20.62 16.36
CA LEU A 123 -9.52 19.58 17.36
C LEU A 123 -10.28 19.88 18.65
N GLU A 124 -10.32 21.17 19.04
CA GLU A 124 -11.09 21.55 20.23
CA GLU A 124 -11.10 21.62 20.20
C GLU A 124 -12.58 21.32 19.99
N ARG A 125 -13.10 21.69 18.83
CA ARG A 125 -14.52 21.47 18.55
CA ARG A 125 -14.51 21.47 18.51
C ARG A 125 -14.88 19.99 18.60
N MET A 126 -13.94 19.12 18.23
CA MET A 126 -14.19 17.69 18.21
C MET A 126 -13.81 16.99 19.52
N ASN A 127 -13.37 17.75 20.52
CA ASN A 127 -12.96 17.18 21.82
C ASN A 127 -11.80 16.19 21.68
N LEU A 128 -10.85 16.52 20.80
CA LEU A 128 -9.70 15.66 20.53
C LEU A 128 -8.40 16.23 21.05
N THR A 129 -8.39 17.45 21.57
CA THR A 129 -7.15 18.10 21.98
C THR A 129 -6.32 17.24 22.92
N GLY A 130 -6.98 16.58 23.86
CA GLY A 130 -6.28 15.81 24.88
C GLY A 130 -5.49 14.63 24.34
N TYR A 131 -5.84 14.14 23.15
CA TYR A 131 -5.12 13.02 22.55
C TYR A 131 -3.84 13.47 21.86
N PHE A 132 -3.80 14.72 21.40
CA PHE A 132 -2.69 15.17 20.56
C PHE A 132 -1.53 15.62 21.43
N ASP A 133 -0.39 15.00 21.21
CA ASP A 133 0.84 15.40 21.87
C ASP A 133 1.40 16.68 21.29
N ALA A 134 1.18 16.92 20.00
CA ALA A 134 1.63 18.14 19.36
C ALA A 134 0.82 18.40 18.10
N ILE A 135 0.85 19.66 17.68
CA ILE A 135 0.29 20.11 16.43
C ILE A 135 1.37 20.85 15.67
N ALA A 136 1.80 20.34 14.51
CA ALA A 136 2.76 21.09 13.70
C ALA A 136 2.04 22.33 13.16
N ASP A 137 2.68 23.47 13.27
CA ASP A 137 2.07 24.74 12.88
C ASP A 137 2.39 25.02 11.42
N PRO A 138 1.39 24.98 10.53
CA PRO A 138 1.66 25.19 9.12
C PRO A 138 2.17 26.58 8.78
N ALA A 139 2.01 27.55 9.68
CA ALA A 139 2.55 28.88 9.44
C ALA A 139 4.07 28.91 9.60
N GLU A 140 4.66 27.89 10.23
CA GLU A 140 6.07 27.88 10.63
CA GLU A 140 6.08 27.93 10.60
C GLU A 140 6.94 27.08 9.67
N VAL A 141 6.31 26.36 8.73
CA VAL A 141 7.06 25.46 7.86
C VAL A 141 6.69 25.70 6.39
N ALA A 142 7.52 25.12 5.51
CA ALA A 142 7.33 25.18 4.08
C ALA A 142 5.98 24.52 3.82
N ALA A 143 5.17 25.14 2.95
CA ALA A 143 3.75 24.83 2.83
C ALA A 143 3.30 24.46 1.42
N SER A 144 4.22 24.29 0.44
CA SER A 144 3.79 23.66 -0.82
C SER A 144 3.12 22.28 -0.57
N LYS A 145 2.21 21.82 -1.46
CA LYS A 145 1.30 20.69 -1.16
C LYS A 145 2.04 19.32 -1.05
N ALA A 146 3.18 19.13 -1.75
CA ALA A 146 3.99 17.92 -1.59
C ALA A 146 5.19 18.17 -0.67
N ALA A 147 5.25 19.33 -0.01
CA ALA A 147 6.39 19.59 0.86
C ALA A 147 6.36 18.65 2.05
N PRO A 148 7.49 18.02 2.37
CA PRO A 148 7.49 17.11 3.51
C PRO A 148 7.54 17.81 4.87
N ASP A 149 7.79 19.12 4.87
CA ASP A 149 8.19 19.84 6.07
C ASP A 149 7.14 19.77 7.17
N ILE A 150 5.84 19.76 6.85
CA ILE A 150 4.82 19.66 7.91
C ILE A 150 4.90 18.31 8.63
N PHE A 151 5.18 17.24 7.87
CA PHE A 151 5.32 15.92 8.48
C PHE A 151 6.61 15.81 9.30
N ILE A 152 7.70 16.36 8.76
CA ILE A 152 8.95 16.40 9.51
C ILE A 152 8.74 17.15 10.84
N ALA A 153 8.07 18.30 10.76
CA ALA A 153 7.82 19.12 11.94
C ALA A 153 6.94 18.38 12.94
N ALA A 154 5.92 17.66 12.45
CA ALA A 154 5.05 16.93 13.36
C ALA A 154 5.81 15.86 14.13
N ALA A 155 6.66 15.12 13.42
CA ALA A 155 7.47 14.09 14.07
C ALA A 155 8.40 14.74 15.11
N HIS A 156 9.10 15.78 14.69
CA HIS A 156 10.03 16.45 15.59
C HIS A 156 9.34 17.05 16.81
N ALA A 157 8.11 17.51 16.64
CA ALA A 157 7.37 18.11 17.73
C ALA A 157 7.07 17.13 18.86
N VAL A 158 7.10 15.82 18.57
CA VAL A 158 6.91 14.78 19.57
C VAL A 158 8.20 13.99 19.79
N GLY A 159 9.34 14.54 19.38
CA GLY A 159 10.64 13.97 19.71
C GLY A 159 11.05 12.75 18.92
N VAL A 160 10.46 12.56 17.73
CA VAL A 160 10.84 11.38 16.96
CA VAL A 160 10.62 11.36 16.91
C VAL A 160 11.20 11.77 15.54
N ALA A 161 11.96 10.89 14.91
CA ALA A 161 12.30 11.09 13.52
C ALA A 161 11.13 10.64 12.64
N PRO A 162 10.98 11.26 11.45
CA PRO A 162 10.01 10.73 10.50
C PRO A 162 10.18 9.24 10.19
N SER A 163 11.43 8.76 10.14
CA SER A 163 11.73 7.34 9.91
C SER A 163 11.10 6.43 10.94
N GLU A 164 10.72 6.96 12.09
CA GLU A 164 10.12 6.21 13.18
C GLU A 164 8.62 6.45 13.24
N SER A 165 8.05 6.98 12.16
CA SER A 165 6.64 7.42 12.15
C SER A 165 5.84 6.83 10.99
N ILE A 166 4.53 6.77 11.20
CA ILE A 166 3.54 6.53 10.16
C ILE A 166 2.83 7.84 9.89
N GLY A 167 2.59 8.16 8.61
CA GLY A 167 1.76 9.29 8.25
C GLY A 167 0.49 8.84 7.56
N LEU A 168 -0.63 9.46 7.94
CA LEU A 168 -1.95 9.15 7.37
C LEU A 168 -2.41 10.36 6.57
N GLU A 169 -2.76 10.15 5.30
CA GLU A 169 -3.17 11.21 4.39
C GLU A 169 -4.24 10.72 3.44
N ASP A 170 -5.09 11.65 3.01
CA ASP A 170 -6.05 11.44 1.94
C ASP A 170 -5.57 12.01 0.59
N SER A 171 -4.57 12.90 0.59
CA SER A 171 -4.13 13.63 -0.61
C SER A 171 -2.98 12.89 -1.28
N GLN A 172 -3.00 12.84 -2.61
CA GLN A 172 -1.86 12.30 -3.35
C GLN A 172 -0.56 13.04 -3.00
N ALA A 173 -0.60 14.38 -3.03
CA ALA A 173 0.62 15.15 -2.75
C ALA A 173 1.09 14.92 -1.31
N GLY A 174 0.13 14.75 -0.39
CA GLY A 174 0.45 14.51 1.00
C GLY A 174 1.12 13.15 1.18
N ILE A 175 0.67 12.14 0.43
CA ILE A 175 1.34 10.84 0.45
CA ILE A 175 1.34 10.84 0.44
C ILE A 175 2.78 10.99 -0.02
N GLN A 176 2.98 11.73 -1.12
CA GLN A 176 4.34 11.96 -1.60
C GLN A 176 5.18 12.69 -0.55
N ALA A 177 4.57 13.69 0.11
CA ALA A 177 5.25 14.43 1.16
C ALA A 177 5.68 13.50 2.29
N ILE A 178 4.78 12.60 2.68
CA ILE A 178 5.13 11.64 3.72
C ILE A 178 6.32 10.77 3.25
N LYS A 179 6.27 10.26 2.03
CA LYS A 179 7.40 9.50 1.52
C LYS A 179 8.69 10.30 1.63
N ASP A 180 8.66 11.55 1.18
CA ASP A 180 9.86 12.37 1.16
C ASP A 180 10.35 12.69 2.57
N SER A 181 9.46 12.71 3.55
CA SER A 181 9.85 12.92 4.93
C SER A 181 10.66 11.75 5.50
N GLY A 182 10.41 10.54 4.99
CA GLY A 182 10.97 9.33 5.53
C GLY A 182 9.97 8.48 6.33
N ALA A 183 8.82 9.06 6.67
CA ALA A 183 7.75 8.33 7.36
C ALA A 183 7.09 7.33 6.39
N LEU A 184 6.34 6.39 6.97
CA LEU A 184 5.65 5.38 6.19
C LEU A 184 4.23 5.87 5.93
N PRO A 185 3.82 6.07 4.65
CA PRO A 185 2.46 6.52 4.38
C PRO A 185 1.46 5.36 4.38
N ILE A 186 0.28 5.62 4.92
CA ILE A 186 -0.87 4.75 4.71
C ILE A 186 -2.00 5.68 4.31
N GLY A 187 -2.42 5.59 3.03
CA GLY A 187 -3.43 6.49 2.52
C GLY A 187 -4.85 6.01 2.81
N VAL A 188 -5.79 6.93 2.67
CA VAL A 188 -7.21 6.61 2.75
C VAL A 188 -7.90 7.17 1.52
N GLY A 189 -8.54 6.28 0.77
CA GLY A 189 -9.19 6.65 -0.46
C GLY A 189 -9.21 5.49 -1.44
N ARG A 190 -9.52 5.81 -2.68
CA ARG A 190 -9.74 4.80 -3.70
C ARG A 190 -8.46 4.57 -4.48
N PRO A 191 -8.24 3.35 -5.02
CA PRO A 191 -7.10 3.12 -5.88
C PRO A 191 -7.09 4.04 -7.09
N GLU A 192 -8.29 4.32 -7.64
CA GLU A 192 -8.40 5.12 -8.86
C GLU A 192 -7.80 6.50 -8.61
N ASP A 193 -7.80 6.93 -7.34
CA ASP A 193 -7.33 8.25 -6.96
C ASP A 193 -5.90 8.23 -6.45
N LEU A 194 -5.57 7.29 -5.54
CA LEU A 194 -4.31 7.33 -4.79
C LEU A 194 -3.25 6.38 -5.34
N GLY A 195 -3.66 5.43 -6.17
CA GLY A 195 -2.74 4.44 -6.69
C GLY A 195 -2.53 3.27 -5.75
N ASP A 196 -1.51 2.47 -6.10
CA ASP A 196 -1.27 1.19 -5.46
C ASP A 196 0.17 1.01 -5.07
N ASP A 197 0.97 2.08 -5.15
CA ASP A 197 2.38 2.03 -4.78
C ASP A 197 2.62 2.18 -3.29
N ILE A 198 1.59 2.55 -2.55
CA ILE A 198 1.59 2.63 -1.08
C ILE A 198 0.38 1.86 -0.60
N VAL A 199 0.38 1.49 0.67
CA VAL A 199 -0.80 0.88 1.28
C VAL A 199 -1.89 1.93 1.44
N ILE A 200 -3.09 1.57 1.01
CA ILE A 200 -4.24 2.44 1.22
C ILE A 200 -5.37 1.62 1.78
N VAL A 201 -6.28 2.32 2.45
CA VAL A 201 -7.50 1.73 2.99
C VAL A 201 -8.68 2.47 2.39
N PRO A 202 -9.83 1.80 2.29
CA PRO A 202 -10.98 2.45 1.67
C PRO A 202 -11.58 3.59 2.48
N ASP A 203 -11.52 3.47 3.80
CA ASP A 203 -12.10 4.48 4.70
C ASP A 203 -11.41 4.32 6.05
N THR A 204 -11.64 5.30 6.92
CA THR A 204 -10.93 5.36 8.19
C THR A 204 -11.32 4.29 9.20
N SER A 205 -12.41 3.56 8.95
CA SER A 205 -12.73 2.45 9.83
C SER A 205 -11.65 1.37 9.76
N HIS A 206 -10.84 1.36 8.70
CA HIS A 206 -9.76 0.41 8.54
C HIS A 206 -8.48 0.84 9.24
N TYR A 207 -8.40 2.09 9.71
CA TYR A 207 -7.23 2.53 10.46
C TYR A 207 -7.35 2.09 11.91
N THR A 208 -6.88 0.88 12.18
CA THR A 208 -6.82 0.33 13.53
C THR A 208 -5.37 0.22 13.92
N LEU A 209 -5.12 0.17 15.22
CA LEU A 209 -3.76 -0.01 15.68
C LEU A 209 -3.18 -1.33 15.16
N GLU A 210 -3.98 -2.38 15.21
CA GLU A 210 -3.52 -3.68 14.73
C GLU A 210 -3.10 -3.60 13.27
N PHE A 211 -3.87 -2.90 12.42
CA PHE A 211 -3.52 -2.79 11.02
C PHE A 211 -2.24 -1.98 10.85
N LEU A 212 -2.12 -0.85 11.56
CA LEU A 212 -0.91 -0.05 11.46
C LEU A 212 0.32 -0.88 11.83
N LYS A 213 0.23 -1.68 12.90
CA LYS A 213 1.37 -2.50 13.32
CA LYS A 213 1.35 -2.51 13.32
C LYS A 213 1.71 -3.55 12.27
N GLU A 214 0.69 -4.19 11.68
CA GLU A 214 0.92 -5.19 10.64
C GLU A 214 1.67 -4.59 9.46
N VAL A 215 1.20 -3.43 9.01
CA VAL A 215 1.82 -2.76 7.87
C VAL A 215 3.25 -2.37 8.23
N TRP A 216 3.44 -1.77 9.40
CA TRP A 216 4.77 -1.36 9.83
C TRP A 216 5.74 -2.52 9.79
N LEU A 217 5.34 -3.65 10.38
CA LEU A 217 6.26 -4.79 10.48
C LEU A 217 6.66 -5.31 9.10
N GLN A 218 5.69 -5.34 8.18
CA GLN A 218 5.95 -5.82 6.82
C GLN A 218 6.93 -4.88 6.11
N LYS A 219 6.80 -3.58 6.36
CA LYS A 219 7.55 -2.59 5.61
C LYS A 219 8.96 -2.36 6.16
N GLN A 220 9.21 -2.76 7.42
CA GLN A 220 10.54 -2.66 8.01
C GLN A 220 11.30 -3.91 7.64
N LYS A 221 12.34 -3.73 6.82
CA LYS A 221 13.17 -4.83 6.39
C LYS A 221 14.48 -4.78 7.19
N MET B 1 -4.91 -37.69 5.76
CA MET B 1 -3.70 -37.07 5.17
C MET B 1 -4.12 -36.15 4.04
N PHE B 2 -3.36 -35.08 3.82
CA PHE B 2 -3.58 -34.20 2.67
C PHE B 2 -3.35 -34.98 1.39
N LYS B 3 -4.04 -34.55 0.32
CA LYS B 3 -4.00 -35.22 -0.97
CA LYS B 3 -4.01 -35.21 -0.97
C LYS B 3 -3.16 -34.49 -2.01
N ALA B 4 -2.79 -33.24 -1.74
CA ALA B 4 -2.05 -32.43 -2.72
C ALA B 4 -1.26 -31.36 -1.99
N VAL B 5 -0.18 -30.93 -2.65
CA VAL B 5 0.56 -29.75 -2.27
C VAL B 5 0.56 -28.81 -3.46
N LEU B 6 0.18 -27.56 -3.18
CA LEU B 6 0.07 -26.50 -4.17
C LEU B 6 1.24 -25.56 -3.94
N PHE B 7 2.18 -25.55 -4.91
CA PHE B 7 3.44 -24.84 -4.77
C PHE B 7 3.41 -23.47 -5.45
N ASP B 8 3.74 -22.42 -4.71
CA ASP B 8 4.23 -21.20 -5.32
C ASP B 8 5.50 -21.51 -6.09
N LEU B 9 5.88 -20.62 -7.04
CA LEU B 9 7.18 -20.79 -7.69
C LEU B 9 8.26 -19.91 -7.04
N ASN B 10 8.18 -18.58 -7.26
CA ASN B 10 9.25 -17.70 -6.84
C ASN B 10 9.22 -17.50 -5.33
N GLY B 11 10.31 -17.89 -4.68
CA GLY B 11 10.43 -17.89 -3.23
C GLY B 11 10.15 -19.24 -2.58
N VAL B 12 9.77 -20.24 -3.38
CA VAL B 12 9.53 -21.59 -2.85
C VAL B 12 10.37 -22.59 -3.63
N ILE B 13 10.05 -22.78 -4.93
CA ILE B 13 10.78 -23.76 -5.75
CA ILE B 13 10.75 -23.75 -5.79
C ILE B 13 12.13 -23.22 -6.18
N THR B 14 12.18 -21.94 -6.50
CA THR B 14 13.39 -21.22 -6.88
C THR B 14 13.11 -19.76 -6.56
N ASP B 15 13.99 -18.84 -6.97
CA ASP B 15 13.53 -17.44 -6.94
C ASP B 15 14.23 -16.71 -8.08
N THR B 16 13.42 -16.11 -8.93
CA THR B 16 13.90 -15.26 -10.01
C THR B 16 13.60 -13.77 -9.73
N ALA B 17 13.34 -13.45 -8.47
CA ALA B 17 13.06 -12.07 -8.07
C ALA B 17 14.09 -11.07 -8.58
N GLU B 18 15.36 -11.43 -8.57
CA GLU B 18 16.38 -10.46 -8.98
C GLU B 18 16.20 -10.06 -10.45
N TYR B 19 15.82 -11.03 -11.28
CA TYR B 19 15.61 -10.76 -12.69
C TYR B 19 14.33 -9.99 -12.93
N HIS B 20 13.25 -10.34 -12.22
CA HIS B 20 12.05 -9.50 -12.29
C HIS B 20 12.41 -8.06 -11.94
N PHE B 21 13.14 -7.87 -10.84
CA PHE B 21 13.52 -6.55 -10.36
C PHE B 21 14.33 -5.81 -11.43
N ARG B 22 15.37 -6.45 -11.96
CA ARG B 22 16.22 -5.76 -12.93
C ARG B 22 15.42 -5.37 -14.16
N ALA B 23 14.53 -6.24 -14.59
CA ALA B 23 13.74 -5.93 -15.78
C ALA B 23 12.77 -4.76 -15.52
N TRP B 24 12.13 -4.75 -14.35
CA TRP B 24 11.25 -3.64 -14.03
C TRP B 24 12.04 -2.34 -13.88
N LYS B 25 13.21 -2.40 -13.26
CA LYS B 25 13.99 -1.18 -13.06
CA LYS B 25 14.02 -1.21 -13.07
C LYS B 25 14.42 -0.62 -14.42
N ALA B 26 14.85 -1.49 -15.32
CA ALA B 26 15.25 -1.05 -16.65
C ALA B 26 14.08 -0.38 -17.37
N LEU B 27 12.89 -0.98 -17.27
CA LEU B 27 11.71 -0.39 -17.89
C LEU B 27 11.41 0.98 -17.28
N ALA B 28 11.41 1.06 -15.95
CA ALA B 28 11.14 2.33 -15.28
C ALA B 28 12.11 3.42 -15.72
N GLU B 29 13.38 3.06 -15.84
CA GLU B 29 14.36 4.04 -16.26
C GLU B 29 14.09 4.50 -17.70
N GLU B 30 13.65 3.59 -18.57
CA GLU B 30 13.35 3.97 -19.95
C GLU B 30 12.23 5.01 -20.02
N ILE B 31 11.22 4.87 -19.14
CA ILE B 31 10.09 5.79 -19.16
C ILE B 31 10.24 6.91 -18.13
N GLY B 32 11.40 7.01 -17.49
CA GLY B 32 11.73 8.14 -16.63
C GLY B 32 11.06 8.14 -15.27
N ILE B 33 10.79 6.96 -14.72
CA ILE B 33 10.20 6.83 -13.41
C ILE B 33 11.27 6.41 -12.43
N ASN B 34 11.42 7.24 -11.40
CA ASN B 34 12.30 6.98 -10.29
C ASN B 34 11.54 6.22 -9.20
N GLY B 35 12.31 5.42 -8.48
CA GLY B 35 11.84 4.81 -7.26
C GLY B 35 11.72 3.29 -7.33
N VAL B 36 12.11 2.67 -8.45
CA VAL B 36 12.09 1.21 -8.49
C VAL B 36 13.43 0.72 -7.96
N ASP B 37 13.48 0.65 -6.63
CA ASP B 37 14.65 0.17 -5.92
C ASP B 37 14.31 -1.14 -5.21
N ARG B 38 15.28 -1.73 -4.52
CA ARG B 38 15.08 -3.04 -3.93
C ARG B 38 13.99 -3.04 -2.87
N GLN B 39 13.92 -1.95 -2.11
CA GLN B 39 12.88 -1.80 -1.10
C GLN B 39 11.50 -1.80 -1.75
N PHE B 40 11.31 -1.00 -2.79
CA PHE B 40 10.03 -0.95 -3.48
C PHE B 40 9.71 -2.31 -4.09
N ASN B 41 10.73 -2.97 -4.62
CA ASN B 41 10.53 -4.24 -5.30
C ASN B 41 9.90 -5.31 -4.40
N GLU B 42 10.09 -5.22 -3.09
CA GLU B 42 9.49 -6.19 -2.18
C GLU B 42 7.97 -6.26 -2.38
N GLN B 43 7.32 -5.15 -2.70
CA GLN B 43 5.88 -5.16 -2.87
C GLN B 43 5.42 -5.70 -4.23
N LEU B 44 6.37 -6.06 -5.11
CA LEU B 44 6.05 -6.66 -6.40
C LEU B 44 6.07 -8.18 -6.35
N LYS B 45 6.53 -8.75 -5.26
CA LYS B 45 6.52 -10.21 -5.12
C LYS B 45 5.09 -10.70 -4.93
N GLY B 46 4.68 -11.75 -5.67
CA GLY B 46 3.32 -12.28 -5.60
C GLY B 46 2.27 -11.39 -6.27
N VAL B 47 2.73 -10.45 -7.11
CA VAL B 47 1.85 -9.54 -7.82
C VAL B 47 1.95 -9.84 -9.31
N SER B 48 0.82 -9.83 -10.01
CA SER B 48 0.85 -10.09 -11.45
C SER B 48 1.70 -9.07 -12.19
N ARG B 49 2.06 -9.43 -13.40
CA ARG B 49 2.83 -8.53 -14.26
C ARG B 49 2.11 -7.18 -14.40
N GLU B 50 0.82 -7.22 -14.72
CA GLU B 50 0.08 -5.99 -14.95
C GLU B 50 -0.06 -5.18 -13.66
N ASP B 51 -0.34 -5.84 -12.54
CA ASP B 51 -0.47 -5.12 -11.29
C ASP B 51 0.87 -4.50 -10.87
N SER B 52 1.98 -5.18 -11.22
CA SER B 52 3.32 -4.66 -10.95
C SER B 52 3.58 -3.40 -11.76
N LEU B 53 3.29 -3.45 -13.04
CA LEU B 53 3.44 -2.26 -13.88
C LEU B 53 2.60 -1.11 -13.33
N GLN B 54 1.38 -1.41 -12.90
CA GLN B 54 0.51 -0.33 -12.39
C GLN B 54 1.18 0.33 -11.17
N LYS B 55 1.72 -0.46 -10.25
CA LYS B 55 2.40 0.11 -9.09
C LYS B 55 3.53 1.05 -9.50
N ILE B 56 4.30 0.63 -10.51
CA ILE B 56 5.41 1.44 -11.00
C ILE B 56 4.90 2.75 -11.60
N LEU B 57 3.89 2.67 -12.46
CA LEU B 57 3.30 3.90 -12.99
C LEU B 57 2.83 4.81 -11.86
N ASP B 58 2.24 4.22 -10.82
CA ASP B 58 1.70 4.98 -9.71
C ASP B 58 2.78 5.73 -8.93
N LEU B 59 4.03 5.25 -8.92
CA LEU B 59 5.11 6.00 -8.30
C LEU B 59 5.16 7.43 -8.80
N ALA B 60 4.88 7.63 -10.08
CA ALA B 60 4.98 8.93 -10.74
C ALA B 60 3.60 9.49 -11.11
N ASP B 61 2.53 8.87 -10.61
CA ASP B 61 1.16 9.24 -10.99
C ASP B 61 1.00 9.27 -12.52
N LYS B 62 1.65 8.33 -13.19
CA LYS B 62 1.65 8.31 -14.65
C LYS B 62 0.43 7.54 -15.15
N LYS B 63 -0.21 8.08 -16.19
CA LYS B 63 -1.33 7.45 -16.85
C LYS B 63 -0.91 7.15 -18.30
N VAL B 64 -1.30 5.96 -18.79
CA VAL B 64 -1.02 5.55 -20.17
C VAL B 64 -2.26 4.91 -20.76
N SER B 65 -2.29 4.82 -22.09
CA SER B 65 -3.37 4.12 -22.78
C SER B 65 -3.26 2.62 -22.52
N ALA B 66 -4.34 1.91 -22.83
CA ALA B 66 -4.35 0.45 -22.71
C ALA B 66 -3.27 -0.17 -23.60
N GLU B 67 -3.09 0.36 -24.81
CA GLU B 67 -2.08 -0.15 -25.72
C GLU B 67 -0.67 0.11 -25.19
N GLU B 68 -0.43 1.31 -24.67
CA GLU B 68 0.87 1.65 -24.12
C GLU B 68 1.18 0.76 -22.92
N PHE B 69 0.18 0.52 -22.08
CA PHE B 69 0.34 -0.33 -20.90
C PHE B 69 0.77 -1.73 -21.34
N LYS B 70 0.07 -2.29 -22.32
CA LYS B 70 0.40 -3.62 -22.83
C LYS B 70 1.83 -3.65 -23.38
N GLU B 71 2.21 -2.61 -24.13
CA GLU B 71 3.54 -2.54 -24.70
C GLU B 71 4.62 -2.54 -23.61
N LEU B 72 4.40 -1.76 -22.55
CA LEU B 72 5.38 -1.69 -21.46
C LEU B 72 5.54 -3.03 -20.77
N ALA B 73 4.42 -3.71 -20.50
CA ALA B 73 4.49 -5.02 -19.85
C ALA B 73 5.23 -6.00 -20.74
N LYS B 74 4.96 -5.95 -22.05
CA LYS B 74 5.62 -6.83 -23.01
C LYS B 74 7.12 -6.59 -23.04
N ARG B 75 7.53 -5.32 -23.05
CA ARG B 75 8.96 -4.98 -23.08
C ARG B 75 9.67 -5.51 -21.84
N LYS B 76 9.05 -5.33 -20.67
CA LYS B 76 9.66 -5.84 -19.45
C LYS B 76 9.75 -7.37 -19.52
N ASN B 77 8.69 -8.05 -19.97
CA ASN B 77 8.72 -9.49 -20.02
C ASN B 77 9.78 -9.98 -20.99
N ASP B 78 9.95 -9.30 -22.13
CA ASP B 78 10.96 -9.72 -23.09
C ASP B 78 12.33 -9.73 -22.41
N ASN B 79 12.63 -8.67 -21.66
CA ASN B 79 13.90 -8.54 -20.98
C ASN B 79 14.05 -9.61 -19.89
N TYR B 80 12.98 -9.82 -19.11
CA TYR B 80 12.99 -10.85 -18.08
C TYR B 80 13.26 -12.23 -18.68
N VAL B 81 12.56 -12.57 -19.76
CA VAL B 81 12.73 -13.86 -20.41
C VAL B 81 14.17 -14.04 -20.86
N LYS B 82 14.79 -13.00 -21.41
CA LYS B 82 16.20 -13.13 -21.78
C LYS B 82 17.06 -13.44 -20.56
N MET B 83 16.75 -12.79 -19.44
CA MET B 83 17.59 -12.90 -18.26
CA MET B 83 17.53 -12.87 -18.21
C MET B 83 17.48 -14.25 -17.55
N ILE B 84 16.39 -15.01 -17.79
CA ILE B 84 16.20 -16.31 -17.14
C ILE B 84 16.61 -17.48 -18.04
N GLN B 85 17.24 -17.22 -19.18
CA GLN B 85 17.61 -18.28 -20.10
C GLN B 85 18.62 -19.25 -19.47
N ASP B 86 19.38 -18.81 -18.46
CA ASP B 86 20.42 -19.63 -17.86
C ASP B 86 19.99 -20.25 -16.53
N VAL B 87 18.71 -20.14 -16.15
CA VAL B 87 18.25 -20.87 -14.97
C VAL B 87 18.54 -22.35 -15.18
N SER B 88 18.90 -23.04 -14.10
CA SER B 88 19.36 -24.42 -14.21
C SER B 88 18.86 -25.22 -13.02
N PRO B 89 19.06 -26.55 -13.04
CA PRO B 89 18.70 -27.36 -11.89
C PRO B 89 19.38 -26.94 -10.59
N ALA B 90 20.54 -26.27 -10.66
CA ALA B 90 21.23 -25.83 -9.47
C ALA B 90 20.47 -24.69 -8.77
N ASP B 91 19.50 -24.09 -9.47
CA ASP B 91 18.66 -23.03 -8.91
C ASP B 91 17.47 -23.52 -8.11
N VAL B 92 17.22 -24.82 -8.11
CA VAL B 92 16.16 -25.37 -7.27
C VAL B 92 16.52 -25.10 -5.82
N TYR B 93 15.55 -24.61 -5.04
CA TYR B 93 15.78 -24.25 -3.66
C TYR B 93 16.11 -25.47 -2.82
N PRO B 94 16.78 -25.24 -1.68
CA PRO B 94 17.22 -26.36 -0.84
C PRO B 94 16.02 -27.14 -0.30
N GLY B 95 16.13 -28.46 -0.39
CA GLY B 95 15.10 -29.34 0.10
C GLY B 95 13.99 -29.64 -0.88
N ILE B 96 13.83 -28.84 -1.93
CA ILE B 96 12.63 -28.94 -2.76
C ILE B 96 12.63 -30.20 -3.61
N LEU B 97 13.74 -30.56 -4.22
CA LEU B 97 13.76 -31.75 -5.06
C LEU B 97 13.42 -32.98 -4.23
N GLN B 98 14.01 -33.11 -3.03
CA GLN B 98 13.72 -34.28 -2.23
C GLN B 98 12.26 -34.29 -1.79
N LEU B 99 11.70 -33.12 -1.49
CA LEU B 99 10.29 -33.03 -1.14
C LEU B 99 9.41 -33.51 -2.30
N LEU B 100 9.73 -33.06 -3.51
CA LEU B 100 8.97 -33.51 -4.67
C LEU B 100 9.03 -35.03 -4.83
N LYS B 101 10.22 -35.60 -4.71
CA LYS B 101 10.37 -37.06 -4.78
C LYS B 101 9.52 -37.75 -3.73
N ASP B 102 9.58 -37.25 -2.50
CA ASP B 102 8.86 -37.88 -1.40
C ASP B 102 7.35 -37.76 -1.60
N LEU B 103 6.88 -36.60 -2.04
CA LEU B 103 5.45 -36.44 -2.28
C LEU B 103 4.98 -37.43 -3.34
N ARG B 104 5.74 -37.52 -4.45
CA ARG B 104 5.34 -38.38 -5.54
C ARG B 104 5.31 -39.83 -5.09
N SER B 105 6.31 -40.26 -4.33
CA SER B 105 6.40 -41.65 -3.92
CA SER B 105 6.42 -41.64 -3.89
C SER B 105 5.30 -41.97 -2.90
N ASN B 106 4.79 -40.96 -2.19
CA ASN B 106 3.67 -41.11 -1.26
C ASN B 106 2.31 -40.85 -1.93
N LYS B 107 2.29 -40.77 -3.26
CA LYS B 107 1.04 -40.61 -4.03
C LYS B 107 0.29 -39.34 -3.61
N ILE B 108 1.06 -38.29 -3.31
CA ILE B 108 0.48 -36.98 -3.05
C ILE B 108 0.63 -36.14 -4.30
N LYS B 109 -0.46 -35.52 -4.74
CA LYS B 109 -0.45 -34.74 -5.97
C LYS B 109 0.36 -33.46 -5.78
N ILE B 110 1.00 -33.03 -6.88
CA ILE B 110 1.88 -31.87 -6.89
C ILE B 110 1.36 -30.93 -7.97
N ALA B 111 1.02 -29.70 -7.58
CA ALA B 111 0.54 -28.74 -8.55
C ALA B 111 1.27 -27.41 -8.35
N LEU B 112 1.50 -26.70 -9.46
CA LEU B 112 2.06 -25.35 -9.41
C LEU B 112 0.91 -24.35 -9.32
N ALA B 113 1.04 -23.42 -8.37
CA ALA B 113 0.10 -22.34 -8.12
C ALA B 113 0.87 -21.04 -8.02
N SER B 114 1.62 -20.72 -9.09
CA SER B 114 2.39 -19.50 -9.24
C SER B 114 1.59 -18.45 -10.01
N ALA B 115 1.84 -17.19 -9.67
CA ALA B 115 1.35 -16.08 -10.49
C ALA B 115 2.07 -15.95 -11.84
N SER B 116 3.20 -16.63 -12.02
CA SER B 116 4.04 -16.34 -13.17
C SER B 116 3.66 -17.15 -14.40
N LYS B 117 3.43 -16.44 -15.51
CA LYS B 117 3.19 -17.11 -16.79
C LYS B 117 4.45 -17.77 -17.34
N ASN B 118 5.60 -17.40 -16.77
CA ASN B 118 6.89 -18.02 -17.09
C ASN B 118 7.16 -19.27 -16.25
N GLY B 119 6.19 -19.71 -15.44
CA GLY B 119 6.36 -20.88 -14.60
C GLY B 119 6.73 -22.14 -15.36
N PRO B 120 5.98 -22.49 -16.42
CA PRO B 120 6.31 -23.73 -17.12
C PRO B 120 7.74 -23.75 -17.66
N PHE B 121 8.17 -22.64 -18.23
CA PHE B 121 9.52 -22.56 -18.76
C PHE B 121 10.54 -22.77 -17.65
N LEU B 122 10.32 -22.14 -16.49
CA LEU B 122 11.25 -22.25 -15.39
C LEU B 122 11.32 -23.68 -14.85
N LEU B 123 10.17 -24.35 -14.71
CA LEU B 123 10.20 -25.75 -14.27
C LEU B 123 10.98 -26.61 -15.25
N GLU B 124 10.84 -26.32 -16.55
CA GLU B 124 11.58 -27.09 -17.55
CA GLU B 124 11.58 -27.09 -17.55
C GLU B 124 13.08 -26.85 -17.42
N ARG B 125 13.48 -25.59 -17.22
CA ARG B 125 14.89 -25.27 -17.07
C ARG B 125 15.52 -25.94 -15.84
N MET B 126 14.70 -26.22 -14.83
CA MET B 126 15.16 -26.85 -13.60
C MET B 126 15.00 -28.38 -13.63
N ASN B 127 14.50 -28.94 -14.74
CA ASN B 127 14.25 -30.37 -14.89
C ASN B 127 13.23 -30.88 -13.87
N LEU B 128 12.21 -30.05 -13.57
CA LEU B 128 11.20 -30.43 -12.58
C LEU B 128 9.85 -30.75 -13.17
N THR B 129 9.62 -30.49 -14.45
CA THR B 129 8.26 -30.60 -15.00
C THR B 129 7.63 -31.96 -14.68
N GLY B 130 8.41 -33.03 -14.80
CA GLY B 130 7.83 -34.37 -14.65
C GLY B 130 7.32 -34.67 -13.25
N TYR B 131 7.74 -33.90 -12.24
CA TYR B 131 7.19 -34.09 -10.90
C TYR B 131 5.80 -33.47 -10.74
N PHE B 132 5.42 -32.54 -11.62
CA PHE B 132 4.18 -31.79 -11.46
C PHE B 132 3.03 -32.52 -12.15
N ASP B 133 2.00 -32.83 -11.38
CA ASP B 133 0.78 -33.38 -11.94
C ASP B 133 -0.01 -32.33 -12.69
N ALA B 134 0.12 -31.06 -12.33
CA ALA B 134 -0.56 -29.98 -13.03
C ALA B 134 0.12 -28.66 -12.74
N ILE B 135 -0.14 -27.72 -13.66
CA ILE B 135 0.26 -26.32 -13.50
C ILE B 135 -1.01 -25.50 -13.69
N ALA B 136 -1.44 -24.75 -12.66
CA ALA B 136 -2.54 -23.83 -12.82
C ALA B 136 -2.07 -22.66 -13.66
N ASP B 137 -2.89 -22.25 -14.64
CA ASP B 137 -2.46 -21.26 -15.61
C ASP B 137 -2.92 -19.89 -15.18
N PRO B 138 -2.00 -18.99 -14.76
CA PRO B 138 -2.40 -17.68 -14.24
C PRO B 138 -2.92 -16.73 -15.32
N ALA B 139 -2.90 -17.14 -16.59
CA ALA B 139 -3.57 -16.39 -17.66
C ALA B 139 -5.06 -16.72 -17.71
N GLU B 140 -5.48 -17.80 -17.05
CA GLU B 140 -6.85 -18.31 -17.17
C GLU B 140 -7.67 -18.08 -15.89
N VAL B 141 -7.03 -17.67 -14.80
CA VAL B 141 -7.70 -17.45 -13.52
C VAL B 141 -7.02 -16.29 -12.83
N ALA B 142 -7.75 -15.67 -11.91
CA ALA B 142 -7.12 -14.61 -11.11
C ALA B 142 -5.98 -15.15 -10.27
N ALA B 143 -4.83 -14.46 -10.30
CA ALA B 143 -3.63 -14.96 -9.66
C ALA B 143 -2.76 -13.87 -9.05
N SER B 144 -3.27 -12.64 -8.94
CA SER B 144 -2.50 -11.57 -8.34
C SER B 144 -2.84 -11.43 -6.86
N LYS B 145 -1.82 -11.11 -6.05
CA LYS B 145 -2.04 -10.69 -4.68
C LYS B 145 -2.75 -11.79 -3.91
N ALA B 146 -3.93 -11.49 -3.34
CA ALA B 146 -4.63 -12.42 -2.48
C ALA B 146 -5.71 -13.21 -3.20
N ALA B 147 -5.72 -13.22 -4.53
CA ALA B 147 -6.71 -13.99 -5.27
C ALA B 147 -6.59 -15.47 -4.95
N PRO B 148 -7.67 -16.13 -4.44
CA PRO B 148 -7.56 -17.56 -4.15
C PRO B 148 -7.62 -18.42 -5.39
N ASP B 149 -8.04 -17.84 -6.52
CA ASP B 149 -8.44 -18.61 -7.68
C ASP B 149 -7.31 -19.48 -8.22
N ILE B 150 -6.08 -18.98 -8.18
CA ILE B 150 -4.95 -19.76 -8.70
C ILE B 150 -4.75 -21.03 -7.87
N PHE B 151 -4.94 -20.95 -6.54
CA PHE B 151 -4.81 -22.11 -5.66
C PHE B 151 -5.98 -23.06 -5.86
N ILE B 152 -7.19 -22.51 -5.98
CA ILE B 152 -8.35 -23.34 -6.26
C ILE B 152 -8.14 -24.12 -7.55
N ALA B 153 -7.67 -23.42 -8.59
CA ALA B 153 -7.45 -24.05 -9.89
C ALA B 153 -6.37 -25.13 -9.80
N ALA B 154 -5.32 -24.90 -9.01
CA ALA B 154 -4.25 -25.87 -8.87
C ALA B 154 -4.78 -27.16 -8.23
N ALA B 155 -5.58 -27.02 -7.16
CA ALA B 155 -6.17 -28.17 -6.50
C ALA B 155 -7.08 -28.93 -7.47
N HIS B 156 -7.97 -28.19 -8.14
CA HIS B 156 -8.92 -28.82 -9.05
C HIS B 156 -8.21 -29.53 -10.18
N ALA B 157 -7.08 -28.99 -10.64
CA ALA B 157 -6.36 -29.58 -11.76
C ALA B 157 -5.79 -30.95 -11.42
N VAL B 158 -5.68 -31.28 -10.14
CA VAL B 158 -5.19 -32.59 -9.70
C VAL B 158 -6.32 -33.38 -9.02
N GLY B 159 -7.57 -32.95 -9.19
CA GLY B 159 -8.73 -33.74 -8.76
C GLY B 159 -9.09 -33.62 -7.28
N VAL B 160 -8.60 -32.56 -6.62
CA VAL B 160 -8.84 -32.44 -5.19
C VAL B 160 -9.44 -31.08 -4.85
N ALA B 161 -10.07 -31.01 -3.69
CA ALA B 161 -10.51 -29.72 -3.18
C ALA B 161 -9.38 -29.02 -2.48
N PRO B 162 -9.39 -27.67 -2.44
CA PRO B 162 -8.42 -26.96 -1.62
C PRO B 162 -8.38 -27.46 -0.18
N SER B 163 -9.54 -27.81 0.38
CA SER B 163 -9.63 -28.30 1.75
C SER B 163 -8.78 -29.55 2.01
N GLU B 164 -8.41 -30.25 0.94
CA GLU B 164 -7.62 -31.47 0.99
C GLU B 164 -6.14 -31.22 0.68
N SER B 165 -5.76 -29.94 0.67
CA SER B 165 -4.46 -29.52 0.18
C SER B 165 -3.70 -28.65 1.18
N ILE B 166 -2.37 -28.67 1.01
CA ILE B 166 -1.47 -27.70 1.62
C ILE B 166 -1.00 -26.75 0.53
N GLY B 167 -0.95 -25.45 0.83
CA GLY B 167 -0.31 -24.49 -0.06
C GLY B 167 0.95 -23.89 0.55
N LEU B 168 1.99 -23.77 -0.27
CA LEU B 168 3.26 -23.21 0.15
C LEU B 168 3.46 -21.88 -0.56
N GLU B 169 3.73 -20.82 0.21
CA GLU B 169 3.90 -19.48 -0.33
C GLU B 169 4.94 -18.70 0.46
N ASP B 170 5.60 -17.78 -0.23
CA ASP B 170 6.50 -16.81 0.36
C ASP B 170 5.87 -15.42 0.54
N SER B 171 4.71 -15.16 -0.06
CA SER B 171 4.10 -13.84 -0.07
C SER B 171 2.94 -13.77 0.91
N GLN B 172 2.83 -12.66 1.63
CA GLN B 172 1.74 -12.48 2.58
C GLN B 172 0.39 -12.62 1.87
N ALA B 173 0.24 -11.97 0.73
CA ALA B 173 -1.05 -11.99 0.04
C ALA B 173 -1.36 -13.41 -0.44
N GLY B 174 -0.32 -14.13 -0.86
CA GLY B 174 -0.48 -15.52 -1.29
C GLY B 174 -0.89 -16.44 -0.15
N ILE B 175 -0.35 -16.19 1.04
CA ILE B 175 -0.82 -16.91 2.23
C ILE B 175 -2.31 -16.64 2.47
N GLN B 176 -2.72 -15.38 2.35
CA GLN B 176 -4.13 -15.04 2.50
C GLN B 176 -4.98 -15.76 1.45
N ALA B 177 -4.48 -15.80 0.22
CA ALA B 177 -5.15 -16.50 -0.87
C ALA B 177 -5.35 -17.98 -0.54
N ILE B 178 -4.29 -18.62 -0.06
CA ILE B 178 -4.36 -20.02 0.32
C ILE B 178 -5.43 -20.19 1.39
N LYS B 179 -5.38 -19.36 2.44
CA LYS B 179 -6.37 -19.45 3.52
C LYS B 179 -7.78 -19.33 2.95
N ASP B 180 -7.98 -18.34 2.08
CA ASP B 180 -9.32 -18.10 1.57
C ASP B 180 -9.76 -19.22 0.63
N SER B 181 -8.83 -19.94 0.00
CA SER B 181 -9.20 -21.07 -0.84
C SER B 181 -9.74 -22.24 -0.03
N GLY B 182 -9.35 -22.35 1.23
CA GLY B 182 -9.66 -23.48 2.09
C GLY B 182 -8.50 -24.44 2.32
N ALA B 183 -7.39 -24.26 1.60
CA ALA B 183 -6.18 -25.04 1.81
C ALA B 183 -5.45 -24.57 3.08
N LEU B 184 -4.54 -25.42 3.53
CA LEU B 184 -3.74 -25.13 4.72
C LEU B 184 -2.45 -24.45 4.28
N PRO B 185 -2.19 -23.19 4.68
CA PRO B 185 -0.95 -22.55 4.28
C PRO B 185 0.21 -22.94 5.20
N ILE B 186 1.37 -23.10 4.59
CA ILE B 186 2.61 -23.14 5.35
C ILE B 186 3.56 -22.18 4.66
N GLY B 187 3.90 -21.07 5.32
CA GLY B 187 4.70 -20.04 4.71
C GLY B 187 6.19 -20.31 4.86
N VAL B 188 6.97 -19.61 4.04
CA VAL B 188 8.44 -19.60 4.16
C VAL B 188 8.88 -18.15 4.17
N GLY B 189 9.65 -17.80 5.19
CA GLY B 189 10.15 -16.45 5.35
C GLY B 189 9.92 -15.96 6.77
N ARG B 190 9.59 -14.67 6.90
CA ARG B 190 9.49 -13.94 8.16
C ARG B 190 8.06 -13.89 8.67
N PRO B 191 7.78 -14.13 9.96
CA PRO B 191 6.44 -13.86 10.51
C PRO B 191 6.08 -12.38 10.35
N GLU B 192 7.10 -11.50 10.39
CA GLU B 192 6.90 -10.08 10.24
C GLU B 192 6.23 -9.75 8.91
N ASP B 193 6.51 -10.56 7.89
CA ASP B 193 5.86 -10.43 6.60
C ASP B 193 4.56 -11.24 6.51
N LEU B 194 4.56 -12.49 6.98
CA LEU B 194 3.49 -13.44 6.64
C LEU B 194 2.39 -13.59 7.69
N GLY B 195 2.66 -13.19 8.94
CA GLY B 195 1.68 -13.29 10.01
C GLY B 195 2.10 -14.25 11.12
N ASP B 196 1.37 -14.16 12.24
CA ASP B 196 1.65 -14.94 13.45
C ASP B 196 0.64 -16.08 13.66
N ASP B 197 -0.26 -16.31 12.67
CA ASP B 197 -1.39 -17.24 12.83
C ASP B 197 -1.33 -18.43 11.85
N ILE B 198 -0.21 -18.59 11.18
CA ILE B 198 0.07 -19.74 10.33
C ILE B 198 1.44 -20.27 10.66
N VAL B 199 1.67 -21.52 10.28
CA VAL B 199 2.98 -22.11 10.42
C VAL B 199 3.87 -21.53 9.34
N ILE B 200 5.06 -21.12 9.75
CA ILE B 200 6.07 -20.57 8.87
C ILE B 200 7.39 -21.28 9.14
N VAL B 201 8.08 -21.61 8.07
CA VAL B 201 9.44 -22.14 8.17
C VAL B 201 10.42 -21.05 7.76
N PRO B 202 11.65 -21.05 8.32
CA PRO B 202 12.59 -19.98 7.97
C PRO B 202 13.16 -20.10 6.57
N ASP B 203 13.23 -21.32 6.04
CA ASP B 203 13.76 -21.57 4.71
C ASP B 203 13.21 -22.92 4.25
N THR B 204 13.38 -23.19 2.96
CA THR B 204 12.76 -24.35 2.36
C THR B 204 13.40 -25.68 2.77
N SER B 205 14.58 -25.66 3.41
CA SER B 205 15.14 -26.92 3.91
C SER B 205 14.23 -27.54 4.98
N HIS B 206 13.35 -26.74 5.58
CA HIS B 206 12.40 -27.22 6.58
C HIS B 206 11.16 -27.83 5.96
N TYR B 207 10.93 -27.61 4.67
CA TYR B 207 9.79 -28.24 4.00
C TYR B 207 10.09 -29.70 3.68
N THR B 208 9.77 -30.58 4.63
CA THR B 208 9.93 -32.02 4.45
C THR B 208 8.56 -32.65 4.51
N LEU B 209 8.43 -33.83 3.93
CA LEU B 209 7.14 -34.52 4.01
C LEU B 209 6.74 -34.77 5.47
N GLU B 210 7.70 -35.17 6.30
CA GLU B 210 7.40 -35.42 7.70
C GLU B 210 6.83 -34.17 8.36
N PHE B 211 7.46 -33.02 8.11
CA PHE B 211 7.00 -31.77 8.71
C PHE B 211 5.59 -31.42 8.21
N LEU B 212 5.35 -31.54 6.91
CA LEU B 212 4.02 -31.24 6.36
C LEU B 212 2.96 -32.14 7.02
N LYS B 213 3.30 -33.42 7.20
CA LYS B 213 2.38 -34.34 7.84
C LYS B 213 2.08 -33.94 9.29
N GLU B 214 3.13 -33.53 10.01
CA GLU B 214 2.95 -33.15 11.41
C GLU B 214 2.04 -31.92 11.50
N VAL B 215 2.27 -30.96 10.60
CA VAL B 215 1.47 -29.73 10.62
C VAL B 215 0.01 -30.05 10.24
N TRP B 216 -0.18 -30.85 9.21
CA TRP B 216 -1.51 -31.25 8.80
C TRP B 216 -2.28 -31.87 9.96
N LEU B 217 -1.63 -32.80 10.66
CA LEU B 217 -2.29 -33.48 11.77
C LEU B 217 -2.63 -32.50 12.89
N GLN B 218 -1.67 -31.61 13.22
CA GLN B 218 -1.83 -30.66 14.30
C GLN B 218 -2.99 -29.70 14.01
N LYS B 219 -3.17 -29.33 12.74
CA LYS B 219 -4.14 -28.33 12.33
C LYS B 219 -5.52 -28.94 12.12
N GLN B 220 -5.66 -30.27 12.19
CA GLN B 220 -6.98 -30.86 12.00
C GLN B 220 -7.86 -30.74 13.26
N LYS B 221 -7.30 -30.89 14.48
CA LYS B 221 -8.07 -30.72 15.71
C LYS B 221 -8.74 -29.34 15.71
P B16 C . -6.58 26.62 6.25
P' B16 C . -5.45 18.89 5.42
C1 B16 C . -5.97 21.27 4.29
O1 B16 C . -6.09 20.39 5.36
C2 B16 C . -7.21 21.20 3.40
O2 B16 C . -7.33 19.92 2.77
C3 B16 C . -7.17 22.28 2.34
O3 B16 C . -8.35 22.25 1.55
C4 B16 C . -6.97 23.65 3.01
O4 B16 C . -6.83 24.66 2.01
C5 B16 C . -5.71 23.59 3.88
O5 B16 C . -5.85 22.56 4.85
C6 B16 C . -5.42 24.89 4.57
O6 B16 C . -6.49 25.20 5.49
O1P B16 C . -7.53 26.30 7.39
O2P B16 C . -7.13 27.65 5.28
O3P B16 C . -5.20 27.00 6.72
O1X B16 C . -5.64 18.54 6.88
O2X B16 C . -6.28 18.06 4.49
O3X B16 C . -4.00 18.98 4.95
MG MG D . -2.90 17.28 4.37
MG MG E . -6.39 16.13 3.87
MG MG F . -23.41 18.97 12.62
C TRS G . 1.13 8.68 -5.31
C TRS G . 1.25 8.76 -5.62
C1 TRS G . 1.01 9.87 -6.27
C1 TRS G . 1.16 9.78 -6.74
C2 TRS G . 0.06 8.80 -4.23
C2 TRS G . 0.29 9.13 -4.48
C3 TRS G . 2.52 8.57 -4.72
C3 TRS G . 2.68 8.62 -5.11
N TRS G . 0.91 7.41 -6.06
N TRS G . 0.81 7.44 -6.17
O1 TRS G . 1.94 9.80 -7.33
O1 TRS G . 1.39 11.09 -6.24
O2 TRS G . -1.24 8.87 -4.78
O2 TRS G . -1.05 9.15 -4.91
O3 TRS G . 2.60 7.50 -3.80
O3 TRS G . 2.77 7.77 -3.98
NA NA H . -3.03 18.22 23.25
C1 EDO I . -20.31 23.65 -8.18
O1 EDO I . -20.95 24.16 -7.01
C2 EDO I . -20.77 22.28 -8.49
O2 EDO I . -19.89 21.58 -9.35
P B16 J . 5.28 -13.17 -14.82
P' B16 J . 5.16 -16.41 -7.68
C1 B16 J . 5.20 -14.18 -9.18
O1 B16 J . 5.56 -15.54 -8.96
C2 B16 J . 6.31 -13.24 -8.71
O2 B16 J . 6.44 -13.30 -7.31
C3 B16 J . 6.00 -11.84 -9.13
O3 B16 J . 7.06 -10.96 -8.74
C4 B16 J . 5.74 -11.78 -10.64
O4 B16 J . 5.41 -10.44 -11.03
C5 B16 J . 4.61 -12.74 -10.97
O5 B16 J . 4.98 -14.06 -10.57
C6 B16 J . 4.22 -12.74 -12.43
O6 B16 J . 5.32 -13.23 -13.22
O1P B16 J . 5.58 -11.74 -15.24
O2P B16 J . 6.39 -14.11 -15.17
O3P B16 J . 3.91 -13.62 -15.28
O1X B16 J . 5.56 -17.80 -8.11
O2X B16 J . 6.05 -15.88 -6.55
O3X B16 J . 3.69 -16.20 -7.38
MG MG K . 6.36 -16.26 -4.60
MG MG L . 2.78 -16.69 -5.59
MG MG M . 23.65 -20.07 -12.65
C1 EDO N . 18.68 0.27 -4.92
O1 EDO N . 18.15 -0.46 -3.84
C2 EDO N . 18.33 -0.38 -6.21
O2 EDO N . 18.35 0.49 -7.33
C1 EDO O . 7.97 -2.94 0.64
O1 EDO O . 9.30 -2.61 1.02
C2 EDO O . 7.43 -4.10 1.42
O2 EDO O . 6.20 -4.59 0.94
#